data_7O08
#
_entry.id   7O08
#
_cell.length_a   63.800
_cell.length_b   63.800
_cell.length_c   225.980
_cell.angle_alpha   90.000
_cell.angle_beta   90.000
_cell.angle_gamma   120.000
#
_symmetry.space_group_name_H-M   'P 32 2 1'
#
loop_
_entity.id
_entity.type
_entity.pdbx_description
1 polymer 'N6-adenosine-methyltransferase catalytic subunit'
2 polymer 'N6-adenosine-methyltransferase non-catalytic subunit'
3 non-polymer 4-[[[6-[(4,4-dimethylpiperidin-1-yl)methyl]pyridin-3-yl]amino]methyl]-1-[6-[(phenylmethyl)amino]pyrimidin-4-yl]piperidin-4-ol
4 non-polymer 'ACETATE ION'
5 water water
#
loop_
_entity_poly.entity_id
_entity_poly.type
_entity_poly.pdbx_seq_one_letter_code
_entity_poly.pdbx_strand_id
1 'polypeptide(L)'
;MGHHHHHHSSGRENLYFQGALTQSVGGDSSADRLFPPQWICCDIRYLDVSILGKFAVVMADPPWDIHMELPYGTLTDDEM
RRLNIPVLQDDGFLFLWVTGRAMELGRECLNLWGYERVDEIIWVKTNQLQRIIRTGRTGHWLNHGKEHCLVGVKGNPQGF
NQGLDCDVIVAEVRSTSHKPDEIYGMIERLSPGTRKIELFGRPHNVQPNWITLGNQLDGIHLLDPDVVARFKQRYPDGII
SKPKNL
;
A
2 'polypeptide(L)'
;MLKGTQSLNPHNDYCQHFVDTGHRPQNFIRDVGLADRFEEYPKLRELIRLKDELIAKSNTPPMYLQADIEAFDIRELTPK
FDVILLEPPLEEYYRETGITANEKCWTWDDIMKLEIDEIAAPRSFIFLWCGSGEGLDLGRVCLRKWGYRRCEDICWIKTN
KNNPGKTKTLDPKAVFQRTKEHCLMGIKGTVKRSTDGDFIHANVDIDLIITEEPEIGNIEKPVEIFHIIEHFCLGRRRLH
LFGRDSTIRPGWLTVGPTLTNSNYNAETYASYFSAPNSYLTGCTEEIERL
;
B
#
# COMPACT_ATOMS: atom_id res chain seq x y z
N LEU A 34 2.62 28.82 19.68
CA LEU A 34 3.91 28.76 20.34
C LEU A 34 4.80 27.60 19.83
N PHE A 35 5.90 27.98 19.20
CA PHE A 35 6.67 27.06 18.36
C PHE A 35 7.31 25.87 19.08
N PRO A 36 7.82 25.96 20.31
CA PRO A 36 8.56 24.82 20.91
C PRO A 36 7.66 23.63 21.20
N PRO A 37 8.23 22.45 21.41
CA PRO A 37 7.41 21.24 21.60
C PRO A 37 6.45 21.39 22.77
N GLN A 38 5.24 20.84 22.61
CA GLN A 38 4.23 20.82 23.65
C GLN A 38 3.62 19.42 23.68
N TRP A 39 3.14 19.02 24.86
CA TRP A 39 2.56 17.68 24.91
C TRP A 39 1.57 17.59 26.07
N ILE A 40 0.72 16.56 26.02
CA ILE A 40 -0.25 16.29 27.06
C ILE A 40 -0.24 14.80 27.35
N CYS A 41 0.14 14.41 28.57
CA CYS A 41 -0.09 13.04 29.00
C CYS A 41 -1.58 12.83 29.21
N CYS A 42 -2.18 11.89 28.50
CA CYS A 42 -3.62 11.69 28.63
C CYS A 42 -4.00 10.36 28.00
N ASP A 43 -5.24 9.96 28.25
CA ASP A 43 -5.91 8.90 27.51
C ASP A 43 -6.64 9.57 26.36
N ILE A 44 -6.19 9.31 25.14
CA ILE A 44 -6.76 9.99 23.99
C ILE A 44 -8.23 9.65 23.84
N ARG A 45 -8.68 8.54 24.42
CA ARG A 45 -10.11 8.20 24.35
C ARG A 45 -10.96 9.20 25.12
N TYR A 46 -10.39 9.86 26.13
CA TYR A 46 -11.16 10.65 27.07
C TYR A 46 -10.86 12.14 27.05
N LEU A 47 -9.71 12.56 26.51
CA LEU A 47 -9.41 13.97 26.44
C LEU A 47 -10.43 14.71 25.58
N ASP A 48 -10.78 15.93 25.99
CA ASP A 48 -11.64 16.80 25.21
C ASP A 48 -10.76 17.57 24.22
N VAL A 49 -10.63 17.05 23.00
CA VAL A 49 -9.71 17.66 22.04
C VAL A 49 -10.23 18.97 21.47
N SER A 50 -11.49 19.33 21.75
CA SER A 50 -11.98 20.63 21.29
C SER A 50 -11.18 21.79 21.86
N ILE A 51 -10.43 21.58 22.95
CA ILE A 51 -9.66 22.68 23.53
C ILE A 51 -8.37 22.98 22.79
N LEU A 52 -7.97 22.13 21.86
CA LEU A 52 -6.67 22.25 21.20
C LEU A 52 -6.69 23.16 19.98
N GLY A 53 -7.87 23.52 19.47
CA GLY A 53 -7.92 24.32 18.26
C GLY A 53 -7.79 23.47 17.00
N LYS A 54 -7.51 24.14 15.88
CA LYS A 54 -7.45 23.54 14.56
C LYS A 54 -6.00 23.38 14.11
N PHE A 55 -5.74 22.36 13.29
CA PHE A 55 -4.39 21.99 12.89
C PHE A 55 -4.26 21.81 11.39
N ALA A 56 -3.13 22.24 10.84
CA ALA A 56 -2.85 22.01 9.42
C ALA A 56 -2.59 20.55 9.12
N VAL A 57 -1.96 19.82 10.04
CA VAL A 57 -1.62 18.42 9.86
C VAL A 57 -1.93 17.68 11.14
N VAL A 58 -2.52 16.49 11.01
CA VAL A 58 -2.71 15.54 12.09
C VAL A 58 -1.93 14.29 11.72
N MET A 59 -1.19 13.72 12.67
CA MET A 59 -0.62 12.41 12.47
C MET A 59 -0.98 11.48 13.61
N ALA A 60 -1.33 10.24 13.26
CA ALA A 60 -1.64 9.24 14.28
C ALA A 60 -0.97 7.93 13.95
N ASP A 61 -0.42 7.28 14.99
CA ASP A 61 0.16 5.95 14.87
C ASP A 61 -0.57 5.07 15.89
N PRO A 62 -1.81 4.67 15.59
CA PRO A 62 -2.67 4.11 16.63
C PRO A 62 -2.25 2.72 17.02
N PRO A 63 -2.50 2.32 18.26
CA PRO A 63 -2.31 0.93 18.68
C PRO A 63 -3.52 0.10 18.26
N TRP A 64 -3.56 -0.22 16.97
CA TRP A 64 -4.64 -0.99 16.38
C TRP A 64 -4.77 -2.36 17.04
N ASP A 65 -6.02 -2.81 17.19
CA ASP A 65 -6.34 -4.11 17.79
C ASP A 65 -6.17 -5.21 16.74
N ILE A 66 -4.92 -5.58 16.48
CA ILE A 66 -4.65 -6.58 15.47
C ILE A 66 -3.87 -7.77 16.01
N TYR A 72 -0.75 -4.72 23.35
CA TYR A 72 -0.42 -3.72 24.37
C TYR A 72 -1.67 -2.91 24.78
N GLY A 73 -1.47 -1.65 25.15
CA GLY A 73 -2.57 -0.76 25.50
C GLY A 73 -3.37 -0.25 24.32
N THR A 74 -4.07 -1.16 23.65
CA THR A 74 -4.66 -0.91 22.35
C THR A 74 -6.07 -0.33 22.47
N LEU A 75 -6.63 0.05 21.33
CA LEU A 75 -7.98 0.55 21.24
C LEU A 75 -8.80 -0.39 20.36
N THR A 76 -10.02 -0.68 20.80
CA THR A 76 -10.90 -1.49 19.98
C THR A 76 -11.24 -0.73 18.71
N ASP A 77 -11.73 -1.48 17.72
CA ASP A 77 -12.14 -0.85 16.47
C ASP A 77 -13.17 0.25 16.72
N ASP A 78 -14.14 0.00 17.60
CA ASP A 78 -15.15 1.02 17.86
C ASP A 78 -14.54 2.24 18.53
N GLU A 79 -13.60 2.02 19.45
CA GLU A 79 -12.90 3.14 20.08
C GLU A 79 -12.20 4.00 19.04
N MET A 80 -11.53 3.37 18.06
CA MET A 80 -10.88 4.13 16.99
C MET A 80 -11.88 4.93 16.18
N ARG A 81 -12.99 4.30 15.80
CA ARG A 81 -14.02 5.00 15.02
C ARG A 81 -14.53 6.22 15.77
N ARG A 82 -14.67 6.11 17.08
CA ARG A 82 -15.29 7.13 17.90
C ARG A 82 -14.35 8.30 18.23
N LEU A 83 -13.04 8.17 18.00
CA LEU A 83 -12.13 9.27 18.29
C LEU A 83 -12.61 10.53 17.62
N ASN A 84 -12.54 11.65 18.34
CA ASN A 84 -13.12 12.89 17.84
C ASN A 84 -12.15 13.59 16.89
N ILE A 85 -11.62 12.85 15.91
CA ILE A 85 -10.76 13.46 14.90
C ILE A 85 -11.43 14.61 14.15
N PRO A 86 -12.73 14.56 13.82
CA PRO A 86 -13.30 15.63 12.98
C PRO A 86 -13.16 17.03 13.55
N VAL A 87 -13.09 17.21 14.87
CA VAL A 87 -12.96 18.58 15.39
C VAL A 87 -11.55 19.13 15.25
N LEU A 88 -10.57 18.28 14.91
CA LEU A 88 -9.17 18.73 14.90
C LEU A 88 -8.81 19.57 13.70
N GLN A 89 -9.52 19.47 12.57
CA GLN A 89 -9.13 20.20 11.37
C GLN A 89 -10.34 20.75 10.63
N ASP A 90 -10.15 21.89 9.96
CA ASP A 90 -11.05 22.34 8.91
C ASP A 90 -10.52 22.03 7.52
N ASP A 91 -9.27 22.39 7.22
CA ASP A 91 -8.67 22.13 5.91
C ASP A 91 -7.24 21.68 6.13
N GLY A 92 -6.92 20.46 5.73
CA GLY A 92 -5.55 19.99 5.86
C GLY A 92 -5.47 18.49 5.71
N PHE A 93 -4.33 17.96 6.14
CA PHE A 93 -3.97 16.59 5.83
C PHE A 93 -3.85 15.76 7.11
N LEU A 94 -4.13 14.48 6.99
CA LEU A 94 -3.96 13.55 8.09
C LEU A 94 -3.07 12.41 7.63
N PHE A 95 -2.14 12.02 8.51
CA PHE A 95 -1.19 10.94 8.25
C PHE A 95 -1.50 9.84 9.24
N LEU A 96 -1.86 8.65 8.73
CA LEU A 96 -2.37 7.55 9.55
C LEU A 96 -1.56 6.29 9.27
N TRP A 97 -0.72 5.90 10.23
CA TRP A 97 0.06 4.67 10.09
C TRP A 97 -0.84 3.47 10.24
N VAL A 98 -0.62 2.43 9.42
CA VAL A 98 -1.48 1.25 9.36
C VAL A 98 -0.64 0.01 9.11
N THR A 99 -1.11 -1.13 9.62
CA THR A 99 -0.47 -2.40 9.33
CA THR A 99 -0.46 -2.41 9.38
C THR A 99 -1.53 -3.51 9.40
N GLY A 100 -1.24 -4.62 8.72
CA GLY A 100 -2.14 -5.76 8.75
C GLY A 100 -3.55 -5.37 8.35
N ARG A 101 -4.54 -5.77 9.14
CA ARG A 101 -5.91 -5.46 8.77
C ARG A 101 -6.27 -4.00 9.04
N ALA A 102 -5.40 -3.25 9.73
CA ALA A 102 -5.63 -1.82 9.84
C ALA A 102 -5.44 -1.10 8.52
N MET A 103 -4.84 -1.75 7.53
CA MET A 103 -4.83 -1.20 6.18
C MET A 103 -6.26 -0.91 5.72
N GLU A 104 -7.18 -1.80 6.05
CA GLU A 104 -8.59 -1.62 5.71
C GLU A 104 -9.33 -0.81 6.79
N LEU A 105 -9.14 -1.17 8.06
CA LEU A 105 -9.80 -0.43 9.14
C LEU A 105 -9.37 1.03 9.14
N GLY A 106 -8.09 1.29 8.89
CA GLY A 106 -7.64 2.67 8.82
C GLY A 106 -8.31 3.45 7.71
N ARG A 107 -8.57 2.79 6.57
CA ARG A 107 -9.31 3.46 5.50
C ARG A 107 -10.74 3.76 5.93
N GLU A 108 -11.35 2.83 6.68
CA GLU A 108 -12.68 3.06 7.21
C GLU A 108 -12.72 4.27 8.14
N CYS A 109 -11.81 4.30 9.12
CA CYS A 109 -11.74 5.45 10.03
C CYS A 109 -11.50 6.74 9.25
N LEU A 110 -10.52 6.73 8.35
CA LEU A 110 -10.23 7.90 7.55
C LEU A 110 -11.49 8.47 6.90
N ASN A 111 -12.29 7.62 6.27
CA ASN A 111 -13.51 8.10 5.62
C ASN A 111 -14.57 8.49 6.64
N LEU A 112 -14.73 7.70 7.71
CA LEU A 112 -15.68 8.07 8.77
C LEU A 112 -15.38 9.45 9.31
N TRP A 113 -14.11 9.75 9.60
CA TRP A 113 -13.76 11.05 10.16
C TRP A 113 -13.86 12.18 9.14
N GLY A 114 -14.12 11.89 7.88
CA GLY A 114 -14.33 12.92 6.87
C GLY A 114 -13.18 13.19 5.93
N TYR A 115 -12.25 12.26 5.77
CA TYR A 115 -11.09 12.45 4.91
C TYR A 115 -11.23 11.59 3.65
N GLU A 116 -10.68 12.05 2.55
CA GLU A 116 -10.42 11.22 1.37
C GLU A 116 -8.95 10.83 1.40
N ARG A 117 -8.64 9.55 1.18
CA ARG A 117 -7.25 9.15 1.11
C ARG A 117 -6.70 9.54 -0.25
N VAL A 118 -5.68 10.41 -0.27
CA VAL A 118 -5.12 10.90 -1.53
C VAL A 118 -3.68 10.47 -1.75
N ASP A 119 -3.04 9.79 -0.80
CA ASP A 119 -1.68 9.30 -1.01
C ASP A 119 -1.42 8.21 -0.01
N GLU A 120 -0.31 7.50 -0.21
CA GLU A 120 0.07 6.44 0.72
C GLU A 120 1.59 6.38 0.75
N ILE A 121 2.18 6.84 1.83
CA ILE A 121 3.63 6.78 1.99
C ILE A 121 4.02 5.38 2.41
N ILE A 122 5.11 4.85 1.87
CA ILE A 122 5.65 3.63 2.43
C ILE A 122 7.07 3.91 2.90
N TRP A 123 7.43 3.31 4.02
CA TRP A 123 8.76 3.44 4.59
C TRP A 123 9.45 2.10 4.39
N VAL A 124 10.46 2.07 3.53
CA VAL A 124 11.28 0.88 3.37
C VAL A 124 12.28 0.83 4.52
N LYS A 125 12.25 -0.26 5.27
CA LYS A 125 13.04 -0.38 6.50
C LYS A 125 14.41 -0.94 6.15
N THR A 126 15.46 -0.19 6.50
CA THR A 126 16.82 -0.65 6.26
C THR A 126 17.61 -0.73 7.56
N ASN A 127 18.74 -1.43 7.49
CA ASN A 127 19.76 -1.35 8.52
C ASN A 127 20.65 -0.14 8.25
N GLN A 128 21.77 -0.05 8.96
CA GLN A 128 22.66 1.10 8.81
C GLN A 128 23.41 1.09 7.49
N LEU A 129 23.51 -0.05 6.81
CA LEU A 129 24.16 -0.14 5.51
C LEU A 129 23.16 -0.16 4.34
N GLN A 130 21.93 0.32 4.57
CA GLN A 130 20.92 0.50 3.52
C GLN A 130 20.45 -0.82 2.89
N ARG A 131 20.48 -1.91 3.65
CA ARG A 131 19.90 -3.16 3.19
C ARG A 131 18.53 -3.34 3.83
N ILE A 132 17.57 -3.85 3.07
CA ILE A 132 16.22 -4.05 3.57
C ILE A 132 16.24 -5.10 4.69
N ILE A 133 15.57 -4.79 5.80
CA ILE A 133 15.27 -5.78 6.83
C ILE A 133 14.53 -6.97 6.20
N GLY A 139 1.08 -11.22 7.99
CA GLY A 139 2.07 -11.41 6.92
C GLY A 139 2.57 -12.82 6.77
N HIS A 140 1.63 -13.73 6.57
CA HIS A 140 1.94 -15.15 6.52
C HIS A 140 2.29 -15.63 5.11
N TRP A 141 2.38 -14.72 4.14
CA TRP A 141 2.78 -15.14 2.81
C TRP A 141 4.08 -14.52 2.33
N LEU A 142 4.37 -13.28 2.71
CA LEU A 142 5.60 -12.61 2.33
C LEU A 142 6.27 -12.02 3.56
N ASN A 143 7.59 -11.96 3.52
CA ASN A 143 8.29 -11.15 4.51
C ASN A 143 7.99 -9.68 4.23
N HIS A 144 8.00 -8.86 5.27
CA HIS A 144 7.56 -7.48 5.16
C HIS A 144 8.76 -6.55 5.20
N GLY A 145 8.94 -5.77 4.15
CA GLY A 145 10.05 -4.84 4.08
C GLY A 145 9.67 -3.40 4.33
N LYS A 146 8.40 -3.13 4.63
CA LYS A 146 7.92 -1.76 4.66
C LYS A 146 6.81 -1.58 5.69
N GLU A 147 6.56 -0.32 6.03
CA GLU A 147 5.38 0.11 6.75
C GLU A 147 4.65 1.13 5.90
N HIS A 148 3.36 1.26 6.13
CA HIS A 148 2.45 2.09 5.35
C HIS A 148 1.92 3.24 6.18
N CYS A 149 1.82 4.43 5.57
CA CYS A 149 1.18 5.59 6.19
C CYS A 149 0.20 6.19 5.19
N LEU A 150 -1.09 6.10 5.52
CA LEU A 150 -2.11 6.69 4.66
C LEU A 150 -2.11 8.20 4.78
N VAL A 151 -2.39 8.88 3.68
CA VAL A 151 -2.47 10.32 3.67
C VAL A 151 -3.88 10.70 3.26
N GLY A 152 -4.62 11.36 4.15
CA GLY A 152 -5.97 11.81 3.88
C GLY A 152 -6.04 13.32 3.81
N VAL A 153 -7.00 13.82 3.03
CA VAL A 153 -7.25 15.26 2.95
C VAL A 153 -8.68 15.55 3.39
N LYS A 154 -8.84 16.72 4.03
CA LYS A 154 -10.13 17.22 4.48
C LYS A 154 -10.25 18.67 4.02
N GLY A 155 -11.42 19.04 3.51
CA GLY A 155 -11.59 20.38 3.00
C GLY A 155 -10.76 20.63 1.75
N ASN A 156 -10.27 21.86 1.62
CA ASN A 156 -9.48 22.32 0.48
C ASN A 156 -8.26 23.05 1.01
N PRO A 157 -7.20 22.33 1.34
CA PRO A 157 -6.00 22.99 1.90
C PRO A 157 -5.34 23.93 0.90
N GLN A 158 -4.99 25.12 1.37
CA GLN A 158 -4.37 26.14 0.54
C GLN A 158 -3.00 26.52 1.09
N GLY A 159 -2.04 26.67 0.19
CA GLY A 159 -0.72 27.13 0.59
C GLY A 159 0.22 26.06 1.06
N PHE A 160 -0.07 24.80 0.77
CA PHE A 160 0.82 23.70 1.10
C PHE A 160 1.73 23.46 -0.10
N ASN A 161 2.90 22.88 0.17
CA ASN A 161 3.90 22.64 -0.89
C ASN A 161 3.82 21.19 -1.35
N GLN A 162 2.75 20.89 -2.08
CA GLN A 162 2.52 19.53 -2.52
C GLN A 162 3.52 19.17 -3.62
N GLY A 163 4.01 17.93 -3.59
CA GLY A 163 4.91 17.42 -4.60
C GLY A 163 6.38 17.72 -4.40
N LEU A 164 6.78 18.30 -3.27
CA LEU A 164 8.18 18.51 -2.96
C LEU A 164 8.88 17.19 -2.64
N ASP A 165 8.25 16.35 -1.81
CA ASP A 165 8.80 15.03 -1.49
C ASP A 165 8.11 13.93 -2.28
N CYS A 166 8.73 12.77 -2.34
CA CYS A 166 8.10 11.62 -2.96
C CYS A 166 7.52 10.71 -1.87
N ASP A 167 6.84 9.64 -2.27
CA ASP A 167 6.05 8.85 -1.33
C ASP A 167 6.78 7.63 -0.81
N VAL A 168 8.10 7.55 -0.95
CA VAL A 168 8.85 6.45 -0.39
C VAL A 168 9.89 7.02 0.57
N ILE A 169 9.92 6.49 1.80
CA ILE A 169 10.95 6.78 2.79
C ILE A 169 11.89 5.58 2.86
N VAL A 170 13.19 5.84 2.82
CA VAL A 170 14.21 4.83 3.04
C VAL A 170 14.95 5.25 4.30
N ALA A 171 14.84 4.46 5.38
CA ALA A 171 15.39 4.91 6.65
C ALA A 171 15.62 3.72 7.56
N GLU A 172 16.54 3.92 8.50
CA GLU A 172 16.97 2.85 9.40
C GLU A 172 15.94 2.62 10.48
N VAL A 173 15.72 1.35 10.81
CA VAL A 173 14.87 1.01 11.94
C VAL A 173 15.58 1.41 13.23
N ARG A 174 14.85 2.09 14.11
CA ARG A 174 15.32 2.37 15.46
C ARG A 174 14.65 1.36 16.40
N SER A 175 14.01 1.77 17.50
CA SER A 175 13.45 0.79 18.41
C SER A 175 12.13 0.26 17.86
N THR A 176 11.49 -0.61 18.64
CA THR A 176 10.24 -1.23 18.20
C THR A 176 9.11 -0.19 18.19
N SER A 177 8.36 -0.18 17.10
CA SER A 177 7.22 0.72 16.91
C SER A 177 7.62 2.18 16.79
N HIS A 178 8.90 2.45 16.54
CA HIS A 178 9.40 3.81 16.42
C HIS A 178 9.38 4.21 14.94
N LYS A 179 8.53 5.18 14.59
CA LYS A 179 8.42 5.64 13.21
C LYS A 179 9.64 6.47 12.82
N PRO A 180 9.94 6.61 11.53
CA PRO A 180 11.15 7.34 11.13
C PRO A 180 10.98 8.84 11.27
N ASP A 181 12.03 9.52 11.74
CA ASP A 181 11.98 10.97 11.91
C ASP A 181 11.85 11.71 10.59
N GLU A 182 12.17 11.06 9.48
CA GLU A 182 12.03 11.70 8.18
C GLU A 182 10.61 12.22 7.95
N ILE A 183 9.59 11.57 8.54
CA ILE A 183 8.21 12.02 8.30
C ILE A 183 7.99 13.45 8.79
N TYR A 184 8.62 13.84 9.90
CA TYR A 184 8.42 15.21 10.38
C TYR A 184 8.99 16.23 9.39
N GLY A 185 10.15 15.94 8.80
CA GLY A 185 10.72 16.83 7.80
C GLY A 185 9.87 16.94 6.54
N MET A 186 9.33 15.81 6.08
CA MET A 186 8.39 15.84 4.95
C MET A 186 7.17 16.68 5.27
N ILE A 187 6.63 16.54 6.47
CA ILE A 187 5.45 17.29 6.84
C ILE A 187 5.78 18.78 7.00
N GLU A 188 6.97 19.08 7.54
CA GLU A 188 7.36 20.49 7.67
C GLU A 188 7.58 21.15 6.32
N ARG A 189 8.19 20.44 5.36
CA ARG A 189 8.33 21.04 4.04
C ARG A 189 6.98 21.20 3.36
N LEU A 190 6.07 20.26 3.59
CA LEU A 190 4.74 20.37 3.01
C LEU A 190 3.99 21.57 3.57
N SER A 191 4.16 21.86 4.85
CA SER A 191 3.34 22.85 5.55
C SER A 191 4.20 23.54 6.61
N PRO A 192 5.11 24.41 6.19
CA PRO A 192 6.06 24.99 7.15
C PRO A 192 5.42 26.02 8.06
N GLY A 193 5.84 25.99 9.33
CA GLY A 193 5.40 26.96 10.32
C GLY A 193 4.03 26.73 10.92
N THR A 194 3.22 25.84 10.35
CA THR A 194 1.84 25.65 10.82
C THR A 194 1.79 24.76 12.07
N ARG A 195 0.64 24.81 12.75
CA ARG A 195 0.38 24.00 13.94
C ARG A 195 0.07 22.56 13.57
N LYS A 196 0.68 21.61 14.28
CA LYS A 196 0.47 20.19 14.02
C LYS A 196 0.19 19.44 15.33
N ILE A 197 -0.52 18.30 15.22
CA ILE A 197 -0.85 17.51 16.40
C ILE A 197 -0.56 16.04 16.09
N GLU A 198 0.10 15.36 17.02
CA GLU A 198 0.36 13.93 16.90
C GLU A 198 -0.42 13.16 17.97
N LEU A 199 -1.15 12.12 17.53
CA LEU A 199 -1.89 11.23 18.42
CA LEU A 199 -1.89 11.24 18.43
C LEU A 199 -1.11 9.94 18.63
N PHE A 200 -1.09 9.46 19.88
CA PHE A 200 -0.38 8.25 20.26
C PHE A 200 1.13 8.41 20.10
N GLY A 201 1.63 9.60 20.44
CA GLY A 201 3.06 9.83 20.42
C GLY A 201 3.71 9.39 21.73
N ARG A 202 5.03 9.29 21.68
CA ARG A 202 5.87 8.92 22.81
C ARG A 202 6.83 10.08 23.05
N PRO A 203 7.55 10.10 24.17
CA PRO A 203 8.44 11.25 24.45
C PRO A 203 9.38 11.62 23.32
N HIS A 204 10.00 10.64 22.65
CA HIS A 204 10.90 10.95 21.55
C HIS A 204 10.19 11.60 20.36
N ASN A 205 8.87 11.61 20.34
CA ASN A 205 8.15 12.17 19.20
C ASN A 205 7.94 13.68 19.31
N VAL A 206 8.16 14.29 20.48
CA VAL A 206 7.82 15.70 20.62
C VAL A 206 8.69 16.50 19.67
N GLN A 207 8.08 17.49 19.02
CA GLN A 207 8.75 18.24 17.96
C GLN A 207 8.28 19.68 18.03
N PRO A 208 9.11 20.63 17.60
CA PRO A 208 8.63 22.02 17.43
C PRO A 208 7.47 22.06 16.47
N ASN A 209 6.55 22.99 16.72
CA ASN A 209 5.30 23.19 15.99
C ASN A 209 4.31 22.05 16.22
N TRP A 210 4.64 21.04 17.01
CA TRP A 210 3.75 19.92 17.28
C TRP A 210 3.27 19.94 18.72
N ILE A 211 2.03 19.52 18.91
CA ILE A 211 1.46 19.15 20.21
C ILE A 211 1.32 17.63 20.18
N THR A 212 1.94 16.93 21.15
CA THR A 212 1.96 15.48 21.17
C THR A 212 1.04 14.95 22.27
N LEU A 213 0.21 13.97 21.93
CA LEU A 213 -0.68 13.35 22.90
C LEU A 213 -0.37 11.86 23.00
N GLY A 214 -0.35 11.36 24.23
CA GLY A 214 -0.03 9.98 24.51
C GLY A 214 -0.03 9.79 26.02
N ASN A 215 -0.27 8.56 26.43
CA ASN A 215 -0.37 8.27 27.86
C ASN A 215 0.96 7.92 28.51
N GLN A 216 2.06 7.91 27.75
CA GLN A 216 3.38 7.71 28.33
C GLN A 216 4.21 8.98 28.27
N LEU A 217 3.60 10.12 28.03
CA LEU A 217 4.31 11.38 28.06
C LEU A 217 4.43 11.84 29.51
N ASP A 218 5.39 12.71 29.75
CA ASP A 218 5.69 13.14 31.11
C ASP A 218 4.90 14.41 31.38
N GLY A 219 3.73 14.25 31.99
CA GLY A 219 2.94 15.38 32.41
C GLY A 219 2.31 16.17 31.27
N ILE A 220 2.02 17.44 31.58
CA ILE A 220 1.39 18.38 30.67
C ILE A 220 2.37 19.52 30.45
N HIS A 221 2.64 19.86 29.20
CA HIS A 221 3.55 20.95 28.89
C HIS A 221 2.95 21.75 27.74
N LEU A 222 2.24 22.82 28.08
CA LEU A 222 1.57 23.66 27.10
C LEU A 222 2.09 25.09 27.20
N LEU A 223 2.39 25.67 26.05
CA LEU A 223 2.95 27.01 25.96
C LEU A 223 2.12 27.98 25.16
N ASP A 224 1.38 27.49 24.16
CA ASP A 224 0.45 28.31 23.39
C ASP A 224 -0.59 28.91 24.32
N PRO A 225 -0.71 30.24 24.39
CA PRO A 225 -1.64 30.85 25.37
C PRO A 225 -3.10 30.51 25.13
N ASP A 226 -3.52 30.34 23.86
CA ASP A 226 -4.91 29.96 23.61
C ASP A 226 -5.19 28.56 24.14
N VAL A 227 -4.28 27.61 23.92
CA VAL A 227 -4.48 26.27 24.44
C VAL A 227 -4.46 26.28 25.96
N VAL A 228 -3.49 26.99 26.56
CA VAL A 228 -3.40 27.07 28.02
C VAL A 228 -4.71 27.61 28.60
N ALA A 229 -5.24 28.68 28.01
CA ALA A 229 -6.48 29.25 28.51
C ALA A 229 -7.62 28.23 28.44
N ARG A 230 -7.81 27.62 27.28
CA ARG A 230 -8.93 26.69 27.14
C ARG A 230 -8.73 25.45 28.02
N PHE A 231 -7.48 25.06 28.28
CA PHE A 231 -7.24 23.88 29.09
C PHE A 231 -7.61 24.12 30.55
N LYS A 232 -7.19 25.25 31.12
CA LYS A 232 -7.57 25.53 32.51
C LYS A 232 -9.07 25.72 32.65
N GLN A 233 -9.72 26.40 31.70
CA GLN A 233 -11.17 26.51 31.74
C GLN A 233 -11.84 25.14 31.71
N ARG A 234 -11.41 24.26 30.80
CA ARG A 234 -11.99 22.93 30.71
C ARG A 234 -11.54 21.99 31.82
N TYR A 235 -10.32 22.14 32.33
CA TYR A 235 -9.75 21.24 33.33
C TYR A 235 -9.15 22.05 34.47
N PRO A 236 -9.98 22.73 35.27
CA PRO A 236 -9.44 23.65 36.29
C PRO A 236 -8.59 22.97 37.34
N ASP A 237 -8.76 21.68 37.58
CA ASP A 237 -7.94 20.96 38.54
C ASP A 237 -6.87 20.10 37.88
N GLY A 238 -6.68 20.22 36.57
CA GLY A 238 -5.63 19.49 35.89
C GLY A 238 -5.84 18.00 35.77
N ILE A 239 -7.08 17.54 35.82
CA ILE A 239 -7.36 16.12 35.75
C ILE A 239 -8.30 15.87 34.57
N ILE A 240 -8.13 14.72 33.93
CA ILE A 240 -8.84 14.36 32.70
C ILE A 240 -9.50 13.01 32.93
N SER A 241 -10.84 13.00 33.07
CA SER A 241 -11.52 11.81 33.59
C SER A 241 -12.44 11.08 32.61
N LYS A 242 -13.72 11.47 32.56
CA LYS A 242 -14.73 10.72 31.80
C LYS A 242 -14.47 10.80 30.30
N ASN B 12 21.74 10.22 7.60
CA ASN B 12 21.38 10.70 6.27
C ASN B 12 19.87 10.69 6.06
N ASP B 13 19.32 11.84 5.68
CA ASP B 13 17.91 11.99 5.39
C ASP B 13 17.78 11.91 3.87
N TYR B 14 17.36 10.74 3.36
CA TYR B 14 17.22 10.63 1.91
C TYR B 14 16.04 11.41 1.39
N CYS B 15 15.08 11.76 2.26
CA CYS B 15 13.97 12.59 1.79
C CYS B 15 14.47 13.99 1.47
N GLN B 16 15.20 14.60 2.42
CA GLN B 16 15.86 15.87 2.16
C GLN B 16 16.74 15.78 0.92
N HIS B 17 17.51 14.68 0.79
CA HIS B 17 18.37 14.51 -0.38
C HIS B 17 17.57 14.48 -1.68
N PHE B 18 16.38 13.86 -1.67
CA PHE B 18 15.55 13.90 -2.87
C PHE B 18 15.12 15.33 -3.19
N VAL B 19 14.74 16.09 -2.17
CA VAL B 19 14.40 17.49 -2.38
C VAL B 19 15.58 18.25 -2.95
N ASP B 20 16.80 17.91 -2.49
CA ASP B 20 18.02 18.62 -2.85
C ASP B 20 18.48 18.28 -4.26
N THR B 21 18.32 17.02 -4.68
CA THR B 21 18.95 16.53 -5.90
C THR B 21 18.02 15.85 -6.88
N GLY B 22 16.81 15.45 -6.49
CA GLY B 22 15.94 14.71 -7.39
C GLY B 22 16.21 13.22 -7.47
N HIS B 23 17.22 12.73 -6.77
CA HIS B 23 17.42 11.29 -6.64
C HIS B 23 16.42 10.74 -5.61
N ARG B 24 15.56 9.83 -6.06
CA ARG B 24 14.59 9.21 -5.16
C ARG B 24 15.32 8.43 -4.07
N PRO B 25 14.73 8.38 -2.87
CA PRO B 25 15.38 7.64 -1.79
C PRO B 25 15.63 6.18 -2.10
N GLN B 26 14.75 5.53 -2.88
CA GLN B 26 14.94 4.13 -3.25
C GLN B 26 16.19 3.93 -4.12
N ASN B 27 16.72 4.98 -4.73
CA ASN B 27 17.97 4.87 -5.47
C ASN B 27 19.12 4.39 -4.59
N PHE B 28 19.00 4.51 -3.27
CA PHE B 28 20.12 4.22 -2.38
C PHE B 28 19.90 2.94 -1.57
N ILE B 29 18.87 2.16 -1.87
CA ILE B 29 18.77 0.82 -1.32
C ILE B 29 19.83 -0.06 -1.99
N ARG B 30 20.55 -0.83 -1.19
CA ARG B 30 21.59 -1.71 -1.71
C ARG B 30 21.07 -3.14 -1.87
N ASP B 31 21.73 -3.89 -2.76
CA ASP B 31 21.32 -5.26 -3.11
C ASP B 31 19.88 -5.30 -3.60
N VAL B 32 19.54 -4.39 -4.50
CA VAL B 32 18.15 -4.13 -4.89
C VAL B 32 17.99 -3.97 -6.39
N ARG B 45 23.29 -16.39 3.33
CA ARG B 45 24.07 -17.16 2.35
C ARG B 45 23.41 -18.52 2.15
N GLU B 46 22.32 -18.52 1.40
CA GLU B 46 21.50 -19.70 1.22
C GLU B 46 20.79 -19.61 -0.12
N LEU B 47 20.60 -20.75 -0.77
CA LEU B 47 19.80 -20.83 -1.98
C LEU B 47 18.92 -22.08 -1.90
N ILE B 48 17.76 -22.00 -2.52
CA ILE B 48 16.79 -23.08 -2.46
C ILE B 48 15.97 -23.08 -3.75
N ARG B 49 16.65 -23.05 -4.89
CA ARG B 49 15.99 -22.91 -6.18
C ARG B 49 15.85 -24.22 -6.94
N LEU B 50 15.88 -25.35 -6.21
CA LEU B 50 15.28 -26.56 -6.75
C LEU B 50 13.78 -26.36 -6.97
N LYS B 51 13.19 -25.37 -6.29
CA LYS B 51 11.78 -25.02 -6.43
C LYS B 51 11.52 -24.37 -7.77
N ASP B 52 12.35 -23.39 -8.17
CA ASP B 52 12.23 -22.82 -9.50
C ASP B 52 12.31 -23.91 -10.56
N GLU B 53 13.22 -24.88 -10.38
CA GLU B 53 13.33 -25.97 -11.35
C GLU B 53 12.10 -26.87 -11.29
N LEU B 54 11.54 -27.09 -10.10
CA LEU B 54 10.32 -27.88 -9.99
C LEU B 54 9.14 -27.17 -10.63
N ILE B 55 9.04 -25.85 -10.42
CA ILE B 55 8.02 -25.07 -11.11
C ILE B 55 8.16 -25.21 -12.62
N ALA B 56 9.41 -25.11 -13.11
CA ALA B 56 9.64 -25.21 -14.56
C ALA B 56 9.21 -26.58 -15.09
N LYS B 57 9.49 -27.65 -14.34
CA LYS B 57 9.10 -28.98 -14.79
C LYS B 57 7.57 -29.15 -14.78
N SER B 58 6.90 -28.64 -13.74
CA SER B 58 5.45 -28.80 -13.64
C SER B 58 4.67 -27.90 -14.60
N ASN B 59 5.26 -26.81 -15.09
CA ASN B 59 4.50 -25.81 -15.85
C ASN B 59 3.78 -26.41 -17.03
N THR B 60 2.54 -25.98 -17.25
CA THR B 60 1.82 -26.34 -18.45
C THR B 60 2.39 -25.57 -19.64
N PRO B 61 2.14 -26.03 -20.86
CA PRO B 61 2.46 -25.21 -22.03
C PRO B 61 1.79 -23.86 -21.91
N PRO B 62 2.43 -22.80 -22.40
CA PRO B 62 1.77 -21.49 -22.36
C PRO B 62 0.50 -21.53 -23.18
N MET B 63 -0.57 -20.96 -22.64
CA MET B 63 -1.81 -20.87 -23.39
C MET B 63 -2.32 -19.43 -23.35
N TYR B 64 -3.03 -19.05 -24.39
CA TYR B 64 -3.31 -17.63 -24.57
C TYR B 64 -4.49 -17.46 -25.52
N LEU B 65 -5.23 -16.37 -25.30
CA LEU B 65 -6.45 -16.14 -26.08
C LEU B 65 -6.60 -14.63 -26.26
N GLN B 66 -6.74 -14.21 -27.51
CA GLN B 66 -7.16 -12.86 -27.80
C GLN B 66 -8.65 -12.76 -27.53
N ALA B 67 -9.03 -11.78 -26.71
CA ALA B 67 -10.43 -11.65 -26.31
C ALA B 67 -10.66 -10.25 -25.79
N ASP B 68 -11.76 -9.63 -26.20
CA ASP B 68 -12.14 -8.31 -25.71
C ASP B 68 -12.92 -8.53 -24.42
N ILE B 69 -12.24 -8.31 -23.28
CA ILE B 69 -12.77 -8.74 -21.99
C ILE B 69 -14.09 -8.04 -21.65
N GLU B 70 -14.28 -6.80 -22.10
CA GLU B 70 -15.55 -6.11 -21.83
C GLU B 70 -16.72 -6.82 -22.51
N ALA B 71 -16.49 -7.37 -23.70
CA ALA B 71 -17.53 -7.98 -24.52
C ALA B 71 -17.55 -9.50 -24.42
N PHE B 72 -16.73 -10.08 -23.55
CA PHE B 72 -16.45 -11.50 -23.56
C PHE B 72 -17.06 -12.11 -22.31
N ASP B 73 -17.89 -13.14 -22.47
CA ASP B 73 -18.42 -13.83 -21.31
C ASP B 73 -17.28 -14.54 -20.60
N ILE B 74 -16.91 -14.03 -19.42
CA ILE B 74 -15.75 -14.54 -18.70
C ILE B 74 -15.92 -16.01 -18.35
N ARG B 75 -17.17 -16.48 -18.24
CA ARG B 75 -17.42 -17.87 -17.87
C ARG B 75 -16.96 -18.86 -18.94
N GLU B 76 -16.67 -18.39 -20.16
CA GLU B 76 -16.09 -19.26 -21.18
C GLU B 76 -14.73 -19.81 -20.74
N LEU B 77 -14.05 -19.10 -19.84
CA LEU B 77 -12.74 -19.53 -19.35
C LEU B 77 -12.92 -20.57 -18.25
N THR B 78 -12.56 -21.81 -18.55
CA THR B 78 -12.64 -22.90 -17.59
C THR B 78 -11.37 -23.72 -17.69
N PRO B 79 -11.05 -24.52 -16.65
CA PRO B 79 -11.80 -24.67 -15.40
C PRO B 79 -11.57 -23.48 -14.48
N LYS B 80 -11.93 -23.61 -13.21
CA LYS B 80 -11.77 -22.48 -12.31
C LYS B 80 -10.31 -22.32 -11.93
N PHE B 81 -9.89 -21.09 -11.70
CA PHE B 81 -8.47 -20.79 -11.57
C PHE B 81 -8.00 -20.76 -10.13
N ASP B 82 -6.76 -21.22 -9.92
CA ASP B 82 -6.16 -21.18 -8.60
C ASP B 82 -5.54 -19.82 -8.31
N VAL B 83 -5.00 -19.17 -9.34
CA VAL B 83 -4.35 -17.87 -9.24
C VAL B 83 -4.88 -17.02 -10.39
N ILE B 84 -5.24 -15.78 -10.10
CA ILE B 84 -5.63 -14.83 -11.14
C ILE B 84 -4.77 -13.60 -10.97
N LEU B 85 -4.06 -13.22 -12.02
CA LEU B 85 -3.31 -11.97 -12.07
C LEU B 85 -4.06 -11.02 -12.97
N LEU B 86 -4.49 -9.90 -12.41
CA LEU B 86 -5.41 -8.99 -13.10
C LEU B 86 -4.68 -7.66 -13.29
N GLU B 87 -4.51 -7.25 -14.55
CA GLU B 87 -3.66 -6.10 -14.88
C GLU B 87 -4.40 -5.15 -15.82
N PRO B 88 -5.57 -4.63 -15.40
CA PRO B 88 -6.37 -3.78 -16.30
C PRO B 88 -5.61 -2.51 -16.65
N PRO B 89 -5.71 -2.05 -17.88
CA PRO B 89 -4.93 -0.88 -18.31
C PRO B 89 -5.54 0.44 -17.81
N LEU B 90 -5.03 0.94 -16.70
CA LEU B 90 -5.52 2.17 -16.10
C LEU B 90 -5.06 3.39 -16.90
N GLU B 91 -5.93 4.41 -16.94
CA GLU B 91 -5.57 5.70 -17.55
C GLU B 91 -4.28 6.27 -16.97
N GLU B 92 -4.11 6.20 -15.65
CA GLU B 92 -2.92 6.80 -15.06
C GLU B 92 -1.62 6.18 -15.61
N TYR B 93 -1.68 4.97 -16.16
CA TYR B 93 -0.48 4.40 -16.78
C TYR B 93 -0.04 5.19 -18.01
N TYR B 94 -0.94 5.92 -18.64
CA TYR B 94 -0.64 6.69 -19.85
C TYR B 94 -0.59 8.18 -19.50
N ARG B 95 0.44 8.54 -18.74
CA ARG B 95 0.69 9.94 -18.39
C ARG B 95 0.84 10.75 -19.68
N GLU B 96 1.99 10.63 -20.33
CA GLU B 96 2.20 11.23 -21.65
C GLU B 96 1.94 10.20 -22.75
N THR B 97 0.68 9.74 -22.81
CA THR B 97 0.25 8.79 -23.84
C THR B 97 -1.27 8.72 -23.91
N LYS B 104 -7.56 1.43 -25.39
CA LYS B 104 -8.77 1.56 -24.59
C LYS B 104 -8.48 1.36 -23.11
N CYS B 105 -8.47 2.43 -22.33
CA CYS B 105 -8.24 2.31 -20.90
C CYS B 105 -9.48 1.78 -20.18
N TRP B 106 -9.24 1.13 -19.04
CA TRP B 106 -10.29 0.61 -18.18
C TRP B 106 -10.38 1.48 -16.93
N THR B 107 -11.60 1.87 -16.58
CA THR B 107 -11.84 2.58 -15.33
C THR B 107 -12.15 1.59 -14.22
N TRP B 108 -12.08 2.09 -12.99
CA TRP B 108 -12.50 1.23 -11.89
C TRP B 108 -13.98 0.90 -11.96
N ASP B 109 -14.78 1.71 -12.66
CA ASP B 109 -16.17 1.35 -12.95
C ASP B 109 -16.23 0.06 -13.77
N ASP B 110 -15.46 0.00 -14.87
CA ASP B 110 -15.38 -1.22 -15.66
C ASP B 110 -14.81 -2.37 -14.84
N ILE B 111 -13.71 -2.13 -14.12
CA ILE B 111 -13.04 -3.25 -13.46
C ILE B 111 -13.95 -3.86 -12.40
N MET B 112 -14.59 -3.01 -11.61
CA MET B 112 -15.46 -3.50 -10.56
C MET B 112 -16.63 -4.34 -11.09
N LYS B 113 -16.97 -4.23 -12.37
CA LYS B 113 -18.09 -4.95 -12.91
C LYS B 113 -17.69 -6.26 -13.57
N LEU B 114 -16.40 -6.61 -13.53
CA LEU B 114 -15.95 -7.93 -13.96
C LEU B 114 -16.48 -9.00 -13.01
N GLU B 115 -16.86 -10.15 -13.57
CA GLU B 115 -17.44 -11.24 -12.80
C GLU B 115 -16.36 -12.17 -12.25
N ILE B 116 -15.34 -11.65 -11.57
CA ILE B 116 -14.16 -12.47 -11.29
C ILE B 116 -14.49 -13.66 -10.40
N ASP B 117 -15.43 -13.48 -9.47
CA ASP B 117 -15.85 -14.62 -8.64
C ASP B 117 -16.43 -15.75 -9.48
N GLU B 118 -16.89 -15.47 -10.70
CA GLU B 118 -17.48 -16.55 -11.48
C GLU B 118 -16.43 -17.52 -12.02
N ILE B 119 -15.15 -17.16 -12.00
CA ILE B 119 -14.11 -18.03 -12.55
C ILE B 119 -13.02 -18.40 -11.54
N ALA B 120 -13.11 -17.92 -10.31
CA ALA B 120 -12.11 -18.22 -9.30
C ALA B 120 -12.47 -19.52 -8.58
N ALA B 121 -11.47 -20.37 -8.34
CA ALA B 121 -11.73 -21.57 -7.55
C ALA B 121 -12.08 -21.19 -6.11
N PRO B 122 -12.85 -22.04 -5.41
CA PRO B 122 -13.23 -21.71 -4.01
C PRO B 122 -12.05 -21.45 -3.10
N ARG B 123 -10.94 -22.14 -3.31
CA ARG B 123 -9.68 -21.80 -2.67
C ARG B 123 -8.79 -21.25 -3.77
N SER B 124 -8.49 -19.95 -3.71
CA SER B 124 -7.72 -19.36 -4.79
C SER B 124 -7.20 -18.00 -4.35
N PHE B 125 -6.32 -17.44 -5.17
CA PHE B 125 -5.63 -16.19 -4.88
C PHE B 125 -5.81 -15.22 -6.03
N ILE B 126 -5.74 -13.93 -5.73
CA ILE B 126 -5.80 -12.91 -6.76
C ILE B 126 -4.66 -11.94 -6.54
N PHE B 127 -4.13 -11.41 -7.64
CA PHE B 127 -3.09 -10.38 -7.62
C PHE B 127 -3.58 -9.29 -8.56
N LEU B 128 -3.85 -8.11 -8.00
CA LEU B 128 -4.49 -7.03 -8.73
C LEU B 128 -3.55 -5.82 -8.72
N TRP B 129 -3.02 -5.46 -9.89
CA TRP B 129 -2.27 -4.21 -10.04
C TRP B 129 -3.24 -3.03 -9.91
N CYS B 130 -2.98 -2.15 -8.95
CA CYS B 130 -3.93 -1.09 -8.59
C CYS B 130 -3.37 0.31 -8.87
N GLY B 131 -2.13 0.43 -9.32
CA GLY B 131 -1.57 1.75 -9.58
C GLY B 131 -1.13 2.44 -8.30
N SER B 132 -1.39 3.73 -8.21
CA SER B 132 -0.92 4.51 -7.07
C SER B 132 -1.92 5.57 -6.65
N GLY B 133 -3.12 5.56 -7.24
CA GLY B 133 -4.13 6.55 -6.90
C GLY B 133 -5.35 5.91 -6.27
N GLU B 134 -6.52 6.28 -6.78
CA GLU B 134 -7.78 5.78 -6.24
C GLU B 134 -7.87 4.26 -6.29
N GLY B 135 -7.07 3.61 -7.14
CA GLY B 135 -7.05 2.15 -7.19
C GLY B 135 -6.65 1.49 -5.88
N LEU B 136 -5.89 2.16 -5.04
CA LEU B 136 -5.55 1.57 -3.74
C LEU B 136 -6.80 1.39 -2.88
N ASP B 137 -7.86 2.15 -3.14
CA ASP B 137 -9.12 1.99 -2.44
C ASP B 137 -10.12 1.15 -3.22
N LEU B 138 -10.35 1.49 -4.49
CA LEU B 138 -11.31 0.76 -5.30
C LEU B 138 -10.85 -0.67 -5.58
N GLY B 139 -9.53 -0.90 -5.65
CA GLY B 139 -9.04 -2.26 -5.77
C GLY B 139 -9.36 -3.11 -4.56
N ARG B 140 -9.38 -2.49 -3.37
CA ARG B 140 -9.81 -3.21 -2.17
C ARG B 140 -11.30 -3.50 -2.21
N VAL B 141 -12.12 -2.54 -2.67
CA VAL B 141 -13.54 -2.80 -2.89
C VAL B 141 -13.71 -4.00 -3.82
N CYS B 142 -12.96 -4.04 -4.92
CA CYS B 142 -13.04 -5.14 -5.87
C CYS B 142 -12.78 -6.48 -5.19
N LEU B 143 -11.63 -6.59 -4.51
CA LEU B 143 -11.28 -7.84 -3.83
C LEU B 143 -12.43 -8.33 -2.96
N ARG B 144 -13.00 -7.42 -2.15
CA ARG B 144 -14.12 -7.82 -1.30
C ARG B 144 -15.34 -8.18 -2.13
N LYS B 145 -15.60 -7.44 -3.21
CA LYS B 145 -16.76 -7.75 -4.03
C LYS B 145 -16.67 -9.16 -4.61
N TRP B 146 -15.46 -9.57 -5.02
CA TRP B 146 -15.24 -10.91 -5.57
C TRP B 146 -15.02 -11.97 -4.51
N GLY B 147 -15.08 -11.60 -3.23
CA GLY B 147 -15.01 -12.60 -2.18
C GLY B 147 -13.63 -12.87 -1.63
N TYR B 148 -12.68 -11.98 -1.85
CA TYR B 148 -11.33 -12.15 -1.31
C TYR B 148 -11.12 -11.29 -0.07
N ARG B 149 -10.17 -11.70 0.75
CA ARG B 149 -9.58 -10.84 1.76
C ARG B 149 -8.16 -10.49 1.34
N ARG B 150 -7.77 -9.23 1.48
CA ARG B 150 -6.40 -8.86 1.17
C ARG B 150 -5.46 -9.43 2.22
N CYS B 151 -4.44 -10.17 1.76
CA CYS B 151 -3.45 -10.72 2.69
C CYS B 151 -2.05 -10.15 2.52
N GLU B 152 -1.74 -9.55 1.37
CA GLU B 152 -0.48 -8.82 1.23
C GLU B 152 -0.68 -7.59 0.36
N ASP B 153 0.26 -6.67 0.48
CA ASP B 153 0.28 -5.45 -0.31
C ASP B 153 1.70 -5.38 -0.87
N ILE B 154 1.85 -5.65 -2.16
CA ILE B 154 3.16 -5.74 -2.81
C ILE B 154 3.43 -4.43 -3.53
N CYS B 155 4.52 -3.76 -3.16
N CYS B 155 4.50 -3.74 -3.14
CA CYS B 155 4.85 -2.45 -3.69
CA CYS B 155 4.85 -2.43 -3.70
C CYS B 155 5.98 -2.53 -4.70
C CYS B 155 5.97 -2.55 -4.71
N TRP B 156 5.70 -2.10 -5.92
CA TRP B 156 6.73 -1.94 -6.96
C TRP B 156 7.30 -0.54 -6.79
N ILE B 157 8.52 -0.45 -6.30
CA ILE B 157 9.17 0.84 -6.05
C ILE B 157 10.09 1.14 -7.22
N LYS B 158 9.90 2.30 -7.83
CA LYS B 158 10.63 2.69 -9.03
C LYS B 158 11.76 3.65 -8.68
N THR B 159 12.99 3.26 -9.00
CA THR B 159 14.13 4.16 -8.89
C THR B 159 14.24 5.06 -10.13
N ASN B 160 14.98 6.16 -9.98
CA ASN B 160 15.28 7.06 -11.09
C ASN B 160 16.77 7.34 -11.17
N LYS B 161 17.58 6.29 -10.97
CA LYS B 161 19.05 6.41 -11.03
C LYS B 161 19.52 7.00 -12.35
N ASN B 162 18.85 6.67 -13.45
CA ASN B 162 19.21 7.16 -14.77
C ASN B 162 18.58 8.51 -15.10
N ASN B 163 17.67 9.00 -14.29
CA ASN B 163 17.07 10.27 -14.63
C ASN B 163 16.72 11.07 -13.39
N PRO B 164 17.70 11.40 -12.53
CA PRO B 164 17.39 12.22 -11.35
C PRO B 164 16.70 13.53 -11.68
N GLY B 165 17.00 14.12 -12.82
CA GLY B 165 16.40 15.37 -13.20
C GLY B 165 15.22 15.21 -14.15
N LYS B 166 14.15 14.60 -13.66
CA LYS B 166 12.90 14.46 -14.42
C LYS B 166 11.76 14.60 -13.40
N THR B 167 11.28 15.82 -13.23
CA THR B 167 10.18 16.07 -12.29
C THR B 167 8.92 15.35 -12.73
N LYS B 168 8.08 15.03 -11.75
CA LYS B 168 6.84 14.30 -12.00
C LYS B 168 5.67 15.27 -12.11
N THR B 169 4.85 15.11 -13.15
CA THR B 169 3.61 15.86 -13.27
C THR B 169 2.57 15.20 -12.38
N LEU B 170 2.17 15.90 -11.32
CA LEU B 170 1.42 15.28 -10.22
C LEU B 170 -0.07 15.17 -10.54
N ASP B 171 -0.70 14.13 -9.99
CA ASP B 171 -2.15 14.08 -9.91
C ASP B 171 -2.65 15.28 -9.12
N PRO B 172 -3.76 15.90 -9.54
CA PRO B 172 -4.27 17.07 -8.80
C PRO B 172 -4.50 16.82 -7.32
N LYS B 173 -4.90 15.61 -6.92
CA LYS B 173 -5.10 15.29 -5.52
C LYS B 173 -3.81 14.89 -4.80
N ALA B 174 -2.74 14.60 -5.53
CA ALA B 174 -1.52 14.10 -4.91
C ALA B 174 -0.92 15.11 -3.94
N VAL B 175 -0.39 14.61 -2.83
CA VAL B 175 0.35 15.43 -1.87
C VAL B 175 1.83 15.26 -2.14
N PHE B 176 2.20 14.10 -2.69
CA PHE B 176 3.60 13.75 -2.87
C PHE B 176 3.80 13.23 -4.28
N GLN B 177 5.05 13.27 -4.74
CA GLN B 177 5.40 12.64 -6.00
C GLN B 177 5.23 11.14 -5.85
N ARG B 178 4.52 10.53 -6.79
CA ARG B 178 4.18 9.11 -6.72
C ARG B 178 5.24 8.30 -7.48
N THR B 179 5.97 7.46 -6.74
CA THR B 179 7.11 6.74 -7.28
C THR B 179 6.99 5.23 -7.10
N LYS B 180 5.75 4.72 -7.01
CA LYS B 180 5.55 3.29 -6.78
C LYS B 180 4.17 2.91 -7.31
N GLU B 181 3.96 1.60 -7.43
CA GLU B 181 2.66 1.02 -7.77
C GLU B 181 2.41 -0.13 -6.80
N HIS B 182 1.14 -0.42 -6.53
CA HIS B 182 0.79 -1.50 -5.61
C HIS B 182 0.10 -2.63 -6.36
N CYS B 183 0.48 -3.86 -6.04
CA CYS B 183 -0.21 -5.05 -6.50
C CYS B 183 -0.76 -5.74 -5.26
N LEU B 184 -2.09 -5.74 -5.12
CA LEU B 184 -2.74 -6.29 -3.94
C LEU B 184 -2.95 -7.78 -4.10
N MET B 185 -2.58 -8.53 -3.07
CA MET B 185 -2.80 -9.96 -3.06
C MET B 185 -4.00 -10.32 -2.19
N GLY B 186 -4.89 -11.15 -2.73
CA GLY B 186 -6.10 -11.52 -2.03
C GLY B 186 -6.25 -13.02 -2.02
N ILE B 187 -6.93 -13.53 -1.00
CA ILE B 187 -7.11 -14.96 -0.78
C ILE B 187 -8.59 -15.24 -0.53
N LYS B 188 -9.08 -16.38 -1.01
CA LYS B 188 -10.43 -16.81 -0.68
C LYS B 188 -10.40 -18.31 -0.41
N GLY B 189 -11.25 -18.73 0.52
CA GLY B 189 -11.27 -20.12 0.96
C GLY B 189 -10.31 -20.34 2.11
N THR B 190 -10.25 -21.59 2.57
CA THR B 190 -9.39 -21.98 3.67
C THR B 190 -7.92 -21.69 3.37
N ALA B 202 5.15 -15.89 5.54
CA ALA B 202 6.20 -15.57 4.60
C ALA B 202 6.61 -16.79 3.77
N ASN B 203 7.83 -16.71 3.21
CA ASN B 203 8.57 -17.88 2.74
C ASN B 203 9.94 -17.42 2.27
N VAL B 204 10.11 -17.15 0.98
CA VAL B 204 11.38 -16.69 0.46
C VAL B 204 11.35 -15.22 0.07
N ASP B 205 10.18 -14.66 -0.22
CA ASP B 205 10.08 -13.37 -0.91
C ASP B 205 9.62 -12.27 0.04
N ILE B 206 9.92 -11.05 -0.38
CA ILE B 206 9.62 -9.83 0.36
C ILE B 206 8.49 -9.13 -0.39
N ASP B 207 7.78 -8.25 0.30
CA ASP B 207 6.64 -7.59 -0.35
C ASP B 207 7.07 -6.33 -1.10
N LEU B 208 8.27 -6.35 -1.68
CA LEU B 208 8.80 -5.20 -2.43
C LEU B 208 9.45 -5.69 -3.71
N ILE B 209 9.25 -4.94 -4.78
CA ILE B 209 9.95 -5.10 -6.05
C ILE B 209 10.58 -3.77 -6.40
N ILE B 210 11.90 -3.76 -6.63
CA ILE B 210 12.64 -2.53 -6.89
C ILE B 210 13.28 -2.60 -8.27
N THR B 211 12.81 -1.76 -9.19
CA THR B 211 13.42 -1.61 -10.51
C THR B 211 13.45 -0.15 -10.91
N GLU B 212 14.20 0.14 -11.97
CA GLU B 212 14.24 1.50 -12.52
C GLU B 212 12.91 1.83 -13.18
N GLU B 213 12.50 3.08 -13.07
CA GLU B 213 11.26 3.51 -13.71
C GLU B 213 11.35 3.28 -15.22
N PRO B 214 10.39 2.58 -15.83
CA PRO B 214 10.48 2.30 -17.27
C PRO B 214 10.33 3.57 -18.09
N GLU B 215 10.76 3.48 -19.34
CA GLU B 215 10.64 4.59 -20.29
C GLU B 215 9.18 5.01 -20.43
N ILE B 216 8.99 6.27 -20.83
CA ILE B 216 7.64 6.82 -20.96
C ILE B 216 6.82 5.97 -21.93
N GLY B 217 5.55 5.74 -21.59
CA GLY B 217 4.67 4.94 -22.41
C GLY B 217 4.88 3.45 -22.31
N ASN B 218 5.85 2.99 -21.53
CA ASN B 218 6.03 1.55 -21.28
C ASN B 218 5.14 1.19 -20.09
N ILE B 219 4.12 0.37 -20.34
CA ILE B 219 3.13 0.04 -19.31
C ILE B 219 3.46 -1.26 -18.60
N GLU B 220 4.51 -1.96 -19.01
CA GLU B 220 4.77 -3.30 -18.48
C GLU B 220 5.05 -3.25 -16.98
N LYS B 221 4.60 -4.27 -16.27
CA LYS B 221 4.93 -4.43 -14.87
C LYS B 221 6.13 -5.35 -14.74
N PRO B 222 6.90 -5.27 -13.64
CA PRO B 222 8.08 -6.12 -13.49
C PRO B 222 7.73 -7.60 -13.50
N VAL B 223 8.48 -8.36 -14.29
CA VAL B 223 8.28 -9.80 -14.38
C VAL B 223 8.50 -10.49 -13.04
N GLU B 224 9.21 -9.82 -12.11
CA GLU B 224 9.41 -10.37 -10.77
C GLU B 224 8.08 -10.69 -10.08
N ILE B 225 6.97 -10.05 -10.47
CA ILE B 225 5.71 -10.41 -9.85
C ILE B 225 5.38 -11.88 -10.12
N PHE B 226 5.76 -12.39 -11.30
CA PHE B 226 5.48 -13.79 -11.62
C PHE B 226 6.27 -14.73 -10.72
N HIS B 227 7.53 -14.38 -10.43
CA HIS B 227 8.35 -15.20 -9.55
C HIS B 227 7.75 -15.27 -8.16
N ILE B 228 7.39 -14.11 -7.59
CA ILE B 228 6.72 -14.11 -6.28
C ILE B 228 5.49 -15.02 -6.30
N ILE B 229 4.60 -14.82 -7.28
CA ILE B 229 3.38 -15.64 -7.38
C ILE B 229 3.74 -17.12 -7.46
N GLU B 230 4.63 -17.49 -8.38
CA GLU B 230 4.92 -18.90 -8.58
C GLU B 230 5.62 -19.51 -7.38
N HIS B 231 6.38 -18.72 -6.62
CA HIS B 231 7.06 -19.25 -5.43
C HIS B 231 6.09 -19.60 -4.30
N PHE B 232 4.87 -19.07 -4.31
CA PHE B 232 3.89 -19.45 -3.29
C PHE B 232 3.44 -20.90 -3.42
N CYS B 233 3.61 -21.52 -4.59
CA CYS B 233 3.19 -22.91 -4.83
C CYS B 233 1.69 -23.10 -4.57
N LEU B 234 0.87 -22.32 -5.28
CA LEU B 234 -0.57 -22.19 -5.05
C LEU B 234 -1.43 -23.07 -5.92
N GLY B 235 -0.87 -23.87 -6.81
CA GLY B 235 -1.66 -24.58 -7.78
C GLY B 235 -1.32 -24.15 -9.19
N ARG B 236 -1.85 -24.89 -10.14
CA ARG B 236 -1.32 -24.83 -11.49
C ARG B 236 -2.23 -24.14 -12.49
N ARG B 237 -3.46 -23.81 -12.11
CA ARG B 237 -4.37 -23.12 -13.02
CA ARG B 237 -4.39 -23.12 -13.02
C ARG B 237 -4.19 -21.62 -12.79
N ARG B 238 -3.40 -20.99 -13.67
CA ARG B 238 -2.96 -19.61 -13.49
C ARG B 238 -3.44 -18.76 -14.66
N LEU B 239 -4.23 -17.73 -14.37
CA LEU B 239 -4.81 -16.88 -15.39
C LEU B 239 -4.25 -15.47 -15.26
N HIS B 240 -3.83 -14.88 -16.40
CA HIS B 240 -3.40 -13.49 -16.46
C HIS B 240 -4.36 -12.73 -17.36
N LEU B 241 -5.21 -11.90 -16.75
CA LEU B 241 -6.16 -11.09 -17.50
C LEU B 241 -5.53 -9.76 -17.85
N PHE B 242 -5.70 -9.35 -19.13
CA PHE B 242 -5.06 -8.17 -19.70
C PHE B 242 -3.56 -8.34 -19.88
N GLY B 243 -3.11 -9.58 -20.04
CA GLY B 243 -1.76 -9.83 -20.50
C GLY B 243 -1.63 -9.45 -21.96
N ARG B 244 -0.41 -9.60 -22.48
CA ARG B 244 -0.07 -9.18 -23.83
C ARG B 244 0.81 -10.27 -24.45
N ASP B 245 1.09 -10.15 -25.76
CA ASP B 245 2.05 -11.07 -26.35
C ASP B 245 3.33 -11.12 -25.54
N SER B 246 3.77 -9.96 -25.02
CA SER B 246 5.04 -9.87 -24.32
C SER B 246 5.03 -10.48 -22.91
N THR B 247 3.86 -10.86 -22.37
CA THR B 247 3.84 -11.43 -21.03
C THR B 247 3.53 -12.93 -21.03
N ILE B 248 3.28 -13.52 -22.20
CA ILE B 248 2.96 -14.94 -22.25
C ILE B 248 4.10 -15.75 -21.65
N ARG B 249 3.76 -16.78 -20.89
CA ARG B 249 4.66 -17.41 -19.99
C ARG B 249 4.24 -18.85 -19.77
N PRO B 250 5.18 -19.79 -19.72
CA PRO B 250 4.79 -21.18 -19.40
C PRO B 250 4.11 -21.23 -18.05
N GLY B 251 3.15 -22.13 -17.91
CA GLY B 251 2.43 -22.23 -16.68
C GLY B 251 1.26 -21.27 -16.54
N TRP B 252 0.99 -20.46 -17.57
CA TRP B 252 -0.01 -19.42 -17.49
C TRP B 252 -0.93 -19.47 -18.70
N LEU B 253 -2.19 -19.16 -18.45
CA LEU B 253 -3.15 -18.82 -19.49
C LEU B 253 -3.29 -17.30 -19.51
N THR B 254 -2.97 -16.68 -20.65
CA THR B 254 -2.99 -15.24 -20.84
C THR B 254 -4.17 -14.85 -21.73
N VAL B 255 -5.00 -13.92 -21.25
CA VAL B 255 -6.20 -13.49 -21.96
C VAL B 255 -6.19 -11.96 -22.02
N GLY B 256 -6.31 -11.40 -23.21
CA GLY B 256 -6.21 -9.97 -23.36
C GLY B 256 -6.58 -9.48 -24.74
N PRO B 257 -7.00 -8.21 -24.84
CA PRO B 257 -7.47 -7.69 -26.13
C PRO B 257 -6.38 -7.50 -27.17
N THR B 258 -5.12 -7.33 -26.80
CA THR B 258 -4.08 -7.03 -27.79
C THR B 258 -3.29 -8.25 -28.24
N LEU B 259 -3.63 -9.45 -27.77
CA LEU B 259 -2.89 -10.61 -28.23
C LEU B 259 -3.07 -10.76 -29.74
N THR B 260 -2.00 -11.15 -30.43
CA THR B 260 -2.06 -11.29 -31.87
C THR B 260 -2.47 -12.70 -32.29
N ASN B 261 -2.30 -13.69 -31.43
CA ASN B 261 -2.62 -15.08 -31.73
C ASN B 261 -3.31 -15.69 -30.52
N SER B 262 -4.01 -16.80 -30.77
CA SER B 262 -4.60 -17.60 -29.72
C SER B 262 -4.31 -19.08 -29.97
N ASN B 263 -4.18 -19.84 -28.89
CA ASN B 263 -4.14 -21.29 -28.96
C ASN B 263 -5.06 -21.91 -27.92
N TYR B 264 -5.92 -21.10 -27.31
CA TYR B 264 -6.73 -21.58 -26.18
C TYR B 264 -7.78 -22.56 -26.67
N ASN B 265 -7.86 -23.70 -25.98
CA ASN B 265 -8.94 -24.67 -26.14
C ASN B 265 -9.30 -25.17 -24.76
N ALA B 266 -10.57 -25.01 -24.38
CA ALA B 266 -10.99 -25.30 -23.01
C ALA B 266 -10.77 -26.77 -22.65
N GLU B 267 -11.10 -27.68 -23.57
CA GLU B 267 -10.91 -29.09 -23.27
C GLU B 267 -9.42 -29.44 -23.18
N THR B 268 -8.61 -28.94 -24.11
CA THR B 268 -7.17 -29.14 -24.00
C THR B 268 -6.62 -28.60 -22.69
N TYR B 269 -7.06 -27.41 -22.29
CA TYR B 269 -6.51 -26.80 -21.08
C TYR B 269 -6.90 -27.61 -19.85
N ALA B 270 -8.19 -27.99 -19.77
CA ALA B 270 -8.66 -28.79 -18.65
C ALA B 270 -7.90 -30.10 -18.54
N SER B 271 -7.45 -30.65 -19.67
CA SER B 271 -6.74 -31.91 -19.65
C SER B 271 -5.37 -31.81 -19.01
N TYR B 272 -4.83 -30.60 -18.84
CA TYR B 272 -3.58 -30.47 -18.12
C TYR B 272 -3.74 -30.78 -16.64
N PHE B 273 -4.95 -30.65 -16.10
CA PHE B 273 -5.19 -30.75 -14.67
C PHE B 273 -6.09 -31.92 -14.30
N SER B 274 -6.41 -32.78 -15.24
CA SER B 274 -7.21 -33.95 -14.90
C SER B 274 -6.35 -35.00 -14.22
N ALA B 275 -7.00 -35.88 -13.47
CA ALA B 275 -6.32 -36.90 -12.68
C ALA B 275 -5.27 -37.62 -13.53
N PRO B 276 -4.12 -37.99 -12.93
CA PRO B 276 -3.82 -37.81 -11.51
C PRO B 276 -3.24 -36.43 -11.12
N ASN B 277 -3.51 -35.38 -11.89
CA ASN B 277 -2.82 -34.11 -11.72
C ASN B 277 -3.66 -33.03 -11.05
N SER B 278 -4.80 -33.39 -10.45
CA SER B 278 -5.80 -32.39 -10.09
C SER B 278 -5.29 -31.39 -9.05
N TYR B 279 -4.57 -31.86 -8.03
CA TYR B 279 -4.35 -31.07 -6.83
C TYR B 279 -2.95 -30.46 -6.73
N LEU B 280 -2.07 -30.72 -7.70
CA LEU B 280 -0.67 -30.36 -7.57
C LEU B 280 -0.51 -28.86 -7.30
N THR B 281 0.57 -28.51 -6.60
CA THR B 281 0.86 -27.13 -6.31
C THR B 281 1.61 -26.45 -7.44
N GLY B 282 2.15 -27.24 -8.36
CA GLY B 282 3.12 -26.75 -9.31
C GLY B 282 4.54 -26.73 -8.78
N CYS B 283 4.75 -27.19 -7.53
CA CYS B 283 6.06 -27.21 -6.89
C CYS B 283 6.50 -28.63 -6.54
N THR B 284 5.86 -29.64 -7.10
CA THR B 284 6.18 -31.02 -6.80
C THR B 284 6.50 -31.77 -8.10
N GLU B 285 7.14 -32.92 -7.95
CA GLU B 285 7.52 -33.72 -9.10
C GLU B 285 6.28 -34.16 -9.88
N GLU B 286 6.39 -34.16 -11.21
CA GLU B 286 5.34 -34.77 -12.02
C GLU B 286 5.16 -36.23 -11.63
N ILE B 287 3.92 -36.71 -11.75
CA ILE B 287 3.57 -38.07 -11.37
C ILE B 287 3.88 -39.01 -12.52
N GLU B 288 4.61 -40.09 -12.24
CA GLU B 288 4.94 -41.10 -13.25
C GLU B 288 3.70 -41.66 -13.94
#